data_6DRZ
#
_entry.id   6DRZ
#
_cell.length_a   59.095
_cell.length_b   119.283
_cell.length_c   172.624
_cell.angle_alpha   90.00
_cell.angle_beta   90.00
_cell.angle_gamma   90.00
#
_symmetry.space_group_name_H-M   'C 2 2 21'
#
loop_
_entity.id
_entity.type
_entity.pdbx_description
1 polymer '5HT2B receptor, BRIL chimera'
2 non-polymer CHOLESTEROL
3 non-polymer 'OLEIC ACID'
4 non-polymer '(2R)-2,3-dihydroxypropyl (9Z)-octadec-9-enoate'
5 non-polymer DI(HYDROXYETHYL)ETHER
6 non-polymer 'PHOSPHATE ION'
7 non-polymer (8alpha)-N-[(2S)-1-hydroxybutan-2-yl]-1,6-dimethyl-9,10-didehydroergoline-8-carboxamide
8 water water
#
_entity_poly.entity_id   1
_entity_poly.type   'polypeptide(L)'
_entity_poly.pdbx_seq_one_letter_code
;TESIPEEMKQIVEEQGNKLHWAALLILMVIIPTIGGNTLVILAVSLEKKLQYATNYFLMSLAVADLLVGLFVMPIALLTI
MFEAMWPLPLVLCPAWLFLDVLFSTASIWHLCAISVDRYIAIKKPIQANQYNSRATAFIKITVVWLISIGIAIPVPIKGI
ETDVDNPNNITCVLTKERFGDFMLFGSLAGFFTPLAIMIVTYFLTIHALQKKAADLEDNWETLNDNLKVIEKADNAAQVK
DALTKMRAAALDAQKATPPKLEDKSPDSPEMKDFRHGFDILVGQIDDALKLANEGKVKEAQAAAEQLKTTRNAYIQKYLV
QTISNEQRASKVLGIVFFLFLLMWCPFFITNITLVLCDSCNQTTLQMLLEIFVWIGYVSSGVNPLVYTLFNKTFRDAFGR
YITCNYRATKS
;
_entity_poly.pdbx_strand_id   A
#
# COMPACT_ATOMS: atom_id res chain seq x y z
N ILE A 4 48.57 7.94 -23.31
CA ILE A 4 48.08 8.46 -24.57
C ILE A 4 47.30 9.74 -24.36
N PRO A 5 47.88 10.88 -24.72
CA PRO A 5 47.23 12.18 -24.48
C PRO A 5 45.84 12.29 -25.12
N GLU A 6 45.64 11.71 -26.30
CA GLU A 6 44.32 11.72 -26.92
C GLU A 6 43.28 10.96 -26.12
N GLU A 7 43.69 10.13 -25.17
CA GLU A 7 42.82 9.44 -24.22
C GLU A 7 42.75 10.13 -22.87
N MET A 8 43.87 10.70 -22.40
CA MET A 8 43.85 11.49 -21.18
C MET A 8 42.90 12.66 -21.32
N LYS A 9 42.93 13.34 -22.47
CA LYS A 9 41.96 14.40 -22.74
C LYS A 9 40.54 13.84 -22.74
N GLN A 10 40.37 12.60 -23.21
CA GLN A 10 39.05 11.99 -23.24
C GLN A 10 38.51 11.78 -21.83
N ILE A 11 39.36 11.36 -20.89
CA ILE A 11 38.92 11.21 -19.51
C ILE A 11 38.71 12.58 -18.88
N VAL A 12 39.48 13.59 -19.30
CA VAL A 12 39.19 14.96 -18.89
C VAL A 12 37.79 15.36 -19.34
N GLU A 13 37.34 14.85 -20.48
CA GLU A 13 35.96 15.06 -20.91
C GLU A 13 34.99 14.17 -20.15
N GLU A 14 35.45 13.00 -19.68
CA GLU A 14 34.58 12.12 -18.91
C GLU A 14 34.20 12.77 -17.58
N GLN A 15 35.17 13.39 -16.90
CA GLN A 15 34.89 14.17 -15.69
C GLN A 15 34.43 15.57 -16.10
N GLY A 16 33.27 15.61 -16.75
CA GLY A 16 32.71 16.84 -17.28
C GLY A 16 31.94 17.62 -16.24
N ASN A 17 31.04 18.47 -16.74
CA ASN A 17 30.14 19.22 -15.89
C ASN A 17 28.73 18.65 -16.03
N LYS A 18 28.16 18.20 -14.92
CA LYS A 18 26.85 17.55 -14.95
C LYS A 18 25.87 18.31 -14.07
N LEU A 19 25.82 19.63 -14.21
CA LEU A 19 24.89 20.42 -13.42
C LEU A 19 23.46 20.36 -13.97
N HIS A 20 23.31 20.18 -15.27
CA HIS A 20 21.98 20.13 -15.86
C HIS A 20 21.20 18.91 -15.39
N TRP A 21 21.89 17.78 -15.21
CA TRP A 21 21.24 16.59 -14.67
C TRP A 21 20.87 16.78 -13.21
N ALA A 22 21.75 17.43 -12.44
CA ALA A 22 21.42 17.73 -11.05
C ALA A 22 20.22 18.64 -10.95
N ALA A 23 20.17 19.69 -11.78
CA ALA A 23 18.99 20.56 -11.81
C ALA A 23 17.75 19.79 -12.20
N LEU A 24 17.87 18.89 -13.19
CA LEU A 24 16.73 18.03 -13.55
C LEU A 24 16.23 17.23 -12.36
N LEU A 25 17.16 16.68 -11.57
CA LEU A 25 16.75 15.84 -10.44
C LEU A 25 16.14 16.67 -9.33
N ILE A 26 16.64 17.88 -9.10
CA ILE A 26 16.04 18.78 -8.12
C ILE A 26 14.61 19.12 -8.54
N LEU A 27 14.42 19.45 -9.81
CA LEU A 27 13.13 19.92 -10.28
C LEU A 27 12.11 18.80 -10.34
N MET A 28 12.52 17.62 -10.82
CA MET A 28 11.58 16.55 -11.13
C MET A 28 11.36 15.57 -9.99
N VAL A 29 12.30 15.43 -9.06
CA VAL A 29 12.22 14.36 -8.09
C VAL A 29 12.17 14.88 -6.66
N ILE A 30 13.23 15.61 -6.25
CA ILE A 30 13.35 16.02 -4.85
C ILE A 30 12.20 16.93 -4.45
N ILE A 31 11.96 17.98 -5.24
CA ILE A 31 10.86 18.91 -4.94
C ILE A 31 9.51 18.21 -4.92
N PRO A 32 9.14 17.41 -5.94
CA PRO A 32 7.85 16.70 -5.85
C PRO A 32 7.80 15.68 -4.72
N THR A 33 8.94 15.15 -4.27
CA THR A 33 8.96 14.23 -3.15
C THR A 33 8.65 14.95 -1.85
N ILE A 34 9.43 15.99 -1.54
CA ILE A 34 9.23 16.74 -0.30
C ILE A 34 7.83 17.36 -0.27
N GLY A 35 7.46 18.05 -1.35
CA GLY A 35 6.14 18.66 -1.40
C GLY A 35 5.02 17.64 -1.36
N GLY A 36 5.14 16.58 -2.17
CA GLY A 36 4.08 15.58 -2.22
C GLY A 36 3.89 14.84 -0.93
N ASN A 37 4.97 14.66 -0.15
CA ASN A 37 4.84 13.96 1.13
C ASN A 37 4.38 14.90 2.23
N THR A 38 4.91 16.13 2.26
CA THR A 38 4.43 17.11 3.22
C THR A 38 2.94 17.39 3.02
N LEU A 39 2.44 17.26 1.79
CA LEU A 39 1.01 17.42 1.54
C LEU A 39 0.20 16.34 2.26
N VAL A 40 0.66 15.09 2.18
CA VAL A 40 -0.05 14.00 2.84
C VAL A 40 0.03 14.15 4.36
N ILE A 41 1.22 14.48 4.88
CA ILE A 41 1.39 14.68 6.32
C ILE A 41 0.48 15.80 6.80
N LEU A 42 0.44 16.92 6.06
CA LEU A 42 -0.49 17.99 6.40
C LEU A 42 -1.93 17.53 6.33
N ALA A 43 -2.25 16.68 5.35
CA ALA A 43 -3.64 16.22 5.19
C ALA A 43 -4.08 15.40 6.41
N VAL A 44 -3.23 14.49 6.86
CA VAL A 44 -3.58 13.68 8.03
C VAL A 44 -3.55 14.54 9.30
N SER A 45 -2.62 15.49 9.38
CA SER A 45 -2.45 16.26 10.61
C SER A 45 -3.60 17.23 10.82
N LEU A 46 -4.04 17.91 9.75
CA LEU A 46 -5.05 18.96 9.87
C LEU A 46 -6.47 18.41 9.83
N GLU A 47 -6.80 17.65 8.80
CA GLU A 47 -8.15 17.13 8.62
C GLU A 47 -8.56 16.23 9.78
N LYS A 48 -9.45 16.72 10.64
CA LYS A 48 -9.91 15.93 11.77
C LYS A 48 -10.72 14.72 11.32
N LYS A 49 -11.39 14.81 10.17
CA LYS A 49 -12.16 13.70 9.64
C LYS A 49 -11.30 12.62 8.99
N LEU A 50 -10.01 12.88 8.79
CA LEU A 50 -9.08 11.93 8.21
C LEU A 50 -8.29 11.13 9.23
N GLN A 51 -8.56 11.32 10.52
CA GLN A 51 -7.73 10.77 11.58
C GLN A 51 -8.23 9.42 12.03
N TYR A 52 -7.50 8.36 11.70
CA TYR A 52 -7.83 7.01 12.16
C TYR A 52 -6.78 5.97 11.78
N ALA A 53 -7.16 4.71 12.00
CA ALA A 53 -6.18 3.62 12.10
C ALA A 53 -5.28 3.52 10.86
N THR A 54 -5.88 3.47 9.68
CA THR A 54 -5.10 3.22 8.47
C THR A 54 -4.25 4.43 8.09
N ASN A 55 -4.79 5.64 8.26
CA ASN A 55 -4.05 6.85 7.87
C ASN A 55 -2.79 7.05 8.70
N TYR A 56 -2.73 6.50 9.92
CA TYR A 56 -1.51 6.56 10.71
C TYR A 56 -0.38 5.80 10.03
N PHE A 57 -0.67 4.59 9.56
CA PHE A 57 0.33 3.81 8.82
C PHE A 57 0.72 4.52 7.53
N LEU A 58 -0.28 5.01 6.79
CA LEU A 58 -0.01 5.77 5.58
C LEU A 58 0.88 6.98 5.87
N MET A 59 0.64 7.65 7.00
CA MET A 59 1.48 8.78 7.39
C MET A 59 2.89 8.34 7.74
N SER A 60 3.05 7.16 8.34
CA SER A 60 4.39 6.61 8.57
C SER A 60 5.14 6.45 7.26
N LEU A 61 4.46 5.92 6.23
CA LEU A 61 5.06 5.80 4.91
C LEU A 61 5.46 7.16 4.36
N ALA A 62 4.53 8.13 4.41
CA ALA A 62 4.83 9.47 3.89
C ALA A 62 6.02 10.08 4.63
N VAL A 63 6.13 9.83 5.94
CA VAL A 63 7.27 10.32 6.70
C VAL A 63 8.57 9.70 6.18
N ALA A 64 8.54 8.39 5.95
CA ALA A 64 9.72 7.70 5.43
C ALA A 64 10.18 8.32 4.12
N ASP A 65 9.25 8.50 3.17
CA ASP A 65 9.60 9.04 1.86
C ASP A 65 10.05 10.51 1.96
N LEU A 66 9.41 11.28 2.85
CA LEU A 66 9.87 12.65 3.07
C LEU A 66 11.31 12.65 3.60
N LEU A 67 11.63 11.71 4.50
CA LEU A 67 12.99 11.60 5.00
C LEU A 67 13.96 11.25 3.90
N VAL A 68 13.54 10.40 2.96
CA VAL A 68 14.33 10.13 1.76
C VAL A 68 14.65 11.45 1.05
N GLY A 69 13.61 12.17 0.64
CA GLY A 69 13.77 13.41 -0.10
C GLY A 69 14.46 14.52 0.66
N LEU A 70 14.62 14.39 1.97
CA LEU A 70 15.25 15.42 2.79
C LEU A 70 16.72 15.15 3.07
N PHE A 71 17.09 13.90 3.33
CA PHE A 71 18.46 13.57 3.73
C PHE A 71 19.23 12.73 2.70
N VAL A 72 18.55 11.83 2.00
CA VAL A 72 19.26 10.91 1.11
C VAL A 72 19.58 11.56 -0.22
N MET A 73 18.58 12.11 -0.89
CA MET A 73 18.76 12.56 -2.28
C MET A 73 19.71 13.76 -2.43
N PRO A 74 19.65 14.80 -1.59
CA PRO A 74 20.57 15.94 -1.80
C PRO A 74 22.04 15.56 -1.74
N ILE A 75 22.41 14.62 -0.86
CA ILE A 75 23.79 14.15 -0.82
C ILE A 75 24.09 13.27 -2.03
N ALA A 76 23.15 12.40 -2.40
CA ALA A 76 23.31 11.60 -3.60
C ALA A 76 23.56 12.47 -4.83
N LEU A 77 23.03 13.70 -4.82
CA LEU A 77 23.37 14.68 -5.85
C LEU A 77 24.85 15.04 -5.82
N LEU A 78 25.38 15.38 -4.63
CA LEU A 78 26.77 15.81 -4.53
C LEU A 78 27.70 14.76 -5.15
N THR A 79 27.37 13.48 -4.97
CA THR A 79 28.08 12.40 -5.65
C THR A 79 27.99 12.51 -7.18
N ILE A 80 26.87 12.98 -7.72
CA ILE A 80 26.79 13.22 -9.16
C ILE A 80 27.82 14.25 -9.57
N MET A 81 27.83 15.40 -8.88
CA MET A 81 28.70 16.50 -9.28
C MET A 81 30.17 16.17 -9.00
N PHE A 82 30.50 15.88 -7.75
CA PHE A 82 31.88 15.58 -7.34
C PHE A 82 32.13 14.08 -7.50
N GLU A 83 32.29 13.68 -8.77
CA GLU A 83 32.28 12.25 -9.09
C GLU A 83 33.41 11.49 -8.41
N ALA A 84 34.60 12.10 -8.33
CA ALA A 84 35.79 11.33 -7.98
C ALA A 84 35.77 10.92 -6.50
N MET A 85 35.76 11.88 -5.60
CA MET A 85 36.00 11.63 -4.18
C MET A 85 34.84 12.12 -3.33
N TRP A 86 34.60 11.42 -2.23
CA TRP A 86 33.53 11.76 -1.29
C TRP A 86 33.86 13.07 -0.60
N PRO A 87 33.06 14.13 -0.78
CA PRO A 87 33.48 15.44 -0.27
C PRO A 87 33.24 15.62 1.21
N LEU A 88 32.19 14.99 1.75
CA LEU A 88 31.79 15.21 3.13
C LEU A 88 32.75 14.51 4.10
N PRO A 89 32.61 14.76 5.40
CA PRO A 89 33.41 13.99 6.37
C PRO A 89 33.26 12.48 6.28
N LEU A 90 34.12 11.77 7.01
CA LEU A 90 34.20 10.32 6.92
C LEU A 90 32.99 9.64 7.54
N VAL A 91 32.52 10.17 8.67
CA VAL A 91 31.38 9.61 9.38
C VAL A 91 30.12 9.62 8.51
N LEU A 92 30.00 10.63 7.65
CA LEU A 92 28.76 10.81 6.90
C LEU A 92 28.58 9.78 5.80
N CYS A 93 29.65 9.13 5.37
CA CYS A 93 29.52 8.05 4.38
C CYS A 93 28.76 6.85 4.91
N PRO A 94 29.03 6.33 6.14
CA PRO A 94 28.15 5.29 6.68
C PRO A 94 26.80 5.82 7.13
N ALA A 95 26.77 7.05 7.67
CA ALA A 95 25.51 7.65 8.07
C ALA A 95 24.54 7.73 6.88
N TRP A 96 24.99 8.34 5.79
CA TRP A 96 24.12 8.56 4.64
C TRP A 96 23.72 7.23 3.99
N LEU A 97 24.67 6.30 3.86
CA LEU A 97 24.35 5.01 3.27
C LEU A 97 23.33 4.25 4.11
N PHE A 98 23.53 4.24 5.44
CA PHE A 98 22.59 3.58 6.33
C PHE A 98 21.19 4.17 6.19
N LEU A 99 21.09 5.50 6.27
CA LEU A 99 19.80 6.16 6.08
C LEU A 99 19.18 5.78 4.75
N ASP A 100 19.98 5.74 3.69
CA ASP A 100 19.49 5.41 2.36
C ASP A 100 18.83 4.03 2.33
N VAL A 101 19.57 3.00 2.69
CA VAL A 101 19.03 1.64 2.70
C VAL A 101 17.83 1.55 3.62
N LEU A 102 17.92 2.17 4.80
CA LEU A 102 16.85 2.11 5.78
C LEU A 102 15.53 2.61 5.20
N PHE A 103 15.51 3.86 4.74
CA PHE A 103 14.28 4.44 4.22
C PHE A 103 13.80 3.73 2.96
N SER A 104 14.73 3.40 2.06
CA SER A 104 14.34 2.74 0.81
C SER A 104 13.66 1.40 1.08
N THR A 105 14.11 0.68 2.11
CA THR A 105 13.45 -0.55 2.51
C THR A 105 12.13 -0.26 3.20
N ALA A 106 12.09 0.79 4.02
CA ALA A 106 10.89 1.10 4.80
C ALA A 106 9.69 1.35 3.90
N SER A 107 9.89 2.04 2.78
CA SER A 107 8.79 2.31 1.86
C SER A 107 8.22 1.02 1.29
N ILE A 108 9.10 0.12 0.83
CA ILE A 108 8.65 -1.13 0.23
C ILE A 108 7.84 -1.95 1.22
N TRP A 109 8.40 -2.17 2.42
CA TRP A 109 7.71 -2.98 3.41
C TRP A 109 6.43 -2.32 3.90
N HIS A 110 6.38 -0.98 3.91
CA HIS A 110 5.13 -0.29 4.17
C HIS A 110 4.06 -0.68 3.16
N LEU A 111 4.41 -0.66 1.87
CA LEU A 111 3.46 -1.04 0.84
C LEU A 111 3.03 -2.50 1.00
N CYS A 112 3.98 -3.38 1.31
CA CYS A 112 3.65 -4.79 1.54
C CYS A 112 2.62 -4.93 2.66
N ALA A 113 2.87 -4.28 3.80
CA ALA A 113 1.94 -4.38 4.92
C ALA A 113 0.58 -3.81 4.56
N ILE A 114 0.55 -2.69 3.82
CA ILE A 114 -0.72 -2.11 3.39
C ILE A 114 -1.49 -3.10 2.52
N SER A 115 -0.79 -3.79 1.62
CA SER A 115 -1.42 -4.81 0.79
C SER A 115 -2.09 -5.88 1.64
N VAL A 116 -1.33 -6.42 2.61
CA VAL A 116 -1.86 -7.46 3.49
C VAL A 116 -3.09 -6.96 4.24
N ASP A 117 -3.03 -5.73 4.77
CA ASP A 117 -4.16 -5.17 5.48
C ASP A 117 -5.39 -5.06 4.57
N ARG A 118 -5.21 -4.46 3.39
CA ARG A 118 -6.33 -4.29 2.47
C ARG A 118 -6.94 -5.64 2.09
N TYR A 119 -6.14 -6.71 2.12
CA TYR A 119 -6.67 -8.04 1.82
C TYR A 119 -7.46 -8.61 2.99
N ILE A 120 -6.86 -8.59 4.20
CA ILE A 120 -7.55 -9.10 5.38
C ILE A 120 -8.84 -8.33 5.63
N ALA A 121 -8.85 -7.02 5.34
CA ALA A 121 -10.08 -6.24 5.47
C ALA A 121 -11.19 -6.79 4.60
N ILE A 122 -10.85 -7.37 3.45
CA ILE A 122 -11.84 -8.03 2.61
C ILE A 122 -12.20 -9.39 3.18
N LYS A 123 -11.20 -10.14 3.65
CA LYS A 123 -11.44 -11.48 4.17
C LYS A 123 -12.31 -11.44 5.41
N LYS A 124 -11.86 -10.74 6.46
CA LYS A 124 -12.56 -10.64 7.73
C LYS A 124 -12.98 -9.19 7.95
N PRO A 125 -14.17 -8.80 7.51
CA PRO A 125 -14.58 -7.40 7.63
C PRO A 125 -15.14 -7.05 9.00
N ILE A 126 -15.65 -8.05 9.71
CA ILE A 126 -16.24 -7.80 11.02
C ILE A 126 -15.17 -7.71 12.11
N GLN A 127 -13.96 -8.20 11.87
CA GLN A 127 -12.91 -8.22 12.87
C GLN A 127 -12.01 -7.00 12.70
N ALA A 128 -12.54 -5.85 13.10
CA ALA A 128 -11.79 -4.60 13.05
C ALA A 128 -12.42 -3.53 13.96
N ASN A 132 -8.53 -3.52 14.52
CA ASN A 132 -7.99 -2.32 13.90
C ASN A 132 -8.14 -1.11 14.82
N SER A 133 -7.43 -1.13 15.93
CA SER A 133 -7.43 0.00 16.86
C SER A 133 -6.25 0.91 16.50
N ARG A 134 -5.88 1.81 17.42
CA ARG A 134 -4.65 2.57 17.25
C ARG A 134 -3.43 1.73 17.62
N ALA A 135 -3.55 0.89 18.65
CA ALA A 135 -2.44 0.05 19.08
C ALA A 135 -2.01 -0.90 17.97
N THR A 136 -2.96 -1.46 17.23
CA THR A 136 -2.62 -2.28 16.08
C THR A 136 -1.72 -1.53 15.12
N ALA A 137 -2.12 -0.31 14.73
CA ALA A 137 -1.32 0.49 13.81
C ALA A 137 0.06 0.75 14.37
N PHE A 138 0.17 1.03 15.67
CA PHE A 138 1.47 1.28 16.29
C PHE A 138 2.35 0.04 16.21
N ILE A 139 1.79 -1.12 16.53
CA ILE A 139 2.53 -2.38 16.37
C ILE A 139 3.02 -2.52 14.94
N LYS A 140 2.16 -2.22 13.97
CA LYS A 140 2.54 -2.37 12.57
C LYS A 140 3.67 -1.43 12.18
N ILE A 141 3.58 -0.17 12.58
CA ILE A 141 4.63 0.79 12.30
C ILE A 141 5.95 0.30 12.90
N THR A 142 5.93 -0.04 14.18
CA THR A 142 7.13 -0.49 14.89
C THR A 142 7.78 -1.67 14.19
N VAL A 143 6.98 -2.69 13.87
CA VAL A 143 7.52 -3.91 13.26
C VAL A 143 8.17 -3.58 11.92
N VAL A 144 7.47 -2.80 11.08
CA VAL A 144 7.99 -2.47 9.76
C VAL A 144 9.33 -1.75 9.87
N TRP A 145 9.39 -0.71 10.71
CA TRP A 145 10.63 0.02 10.89
C TRP A 145 11.73 -0.86 11.49
N LEU A 146 11.36 -1.81 12.34
CA LEU A 146 12.34 -2.75 12.88
C LEU A 146 12.92 -3.62 11.76
N ILE A 147 12.07 -4.08 10.84
CA ILE A 147 12.55 -4.83 9.69
C ILE A 147 13.53 -3.99 8.89
N SER A 148 13.16 -2.74 8.60
CA SER A 148 14.00 -1.87 7.79
C SER A 148 15.36 -1.64 8.44
N ILE A 149 15.36 -1.39 9.75
CA ILE A 149 16.62 -1.27 10.48
C ILE A 149 17.43 -2.57 10.38
N GLY A 150 16.77 -3.71 10.55
CA GLY A 150 17.47 -4.98 10.53
C GLY A 150 18.15 -5.25 9.20
N ILE A 151 17.54 -4.80 8.11
CA ILE A 151 18.15 -4.97 6.79
C ILE A 151 19.22 -3.91 6.55
N ALA A 152 19.10 -2.74 7.19
CA ALA A 152 19.99 -1.63 6.90
C ALA A 152 21.27 -1.61 7.72
N ILE A 153 21.31 -2.33 8.83
CA ILE A 153 22.39 -2.21 9.81
C ILE A 153 23.74 -2.79 9.35
N PRO A 154 23.83 -3.73 8.40
CA PRO A 154 25.17 -4.21 8.03
C PRO A 154 26.06 -3.12 7.41
N VAL A 155 25.47 -2.11 6.77
CA VAL A 155 26.25 -1.07 6.11
C VAL A 155 27.02 -0.25 7.14
N PRO A 156 26.38 0.31 8.19
CA PRO A 156 27.18 1.02 9.19
C PRO A 156 28.01 0.11 10.07
N ILE A 157 27.56 -1.13 10.31
CA ILE A 157 28.34 -2.04 11.14
C ILE A 157 29.66 -2.39 10.46
N LYS A 158 29.62 -2.70 9.17
CA LYS A 158 30.85 -3.11 8.48
C LYS A 158 31.73 -1.91 8.17
N GLY A 159 31.15 -0.84 7.65
CA GLY A 159 31.89 0.38 7.37
C GLY A 159 32.56 0.37 6.02
N ILE A 160 33.10 1.52 5.66
CA ILE A 160 33.77 1.71 4.38
C ILE A 160 35.28 1.65 4.59
N GLU A 161 35.97 0.93 3.71
CA GLU A 161 37.40 0.69 3.86
C GLU A 161 38.19 2.00 3.81
N THR A 162 39.16 2.12 4.71
CA THR A 162 40.02 3.28 4.80
C THR A 162 41.47 2.86 4.62
N ASP A 163 42.31 3.84 4.26
CA ASP A 163 43.73 3.61 4.06
C ASP A 163 44.51 4.49 5.03
N VAL A 164 45.48 3.89 5.70
CA VAL A 164 46.38 4.68 6.55
C VAL A 164 47.13 5.70 5.71
N ASP A 165 47.38 5.40 4.44
CA ASP A 165 48.08 6.35 3.57
C ASP A 165 47.16 7.51 3.18
N ASN A 166 45.93 7.21 2.76
CA ASN A 166 45.00 8.21 2.24
C ASN A 166 43.73 8.21 3.08
N PRO A 167 43.72 8.92 4.20
CA PRO A 167 42.48 9.03 4.99
C PRO A 167 41.39 9.80 4.27
N ASN A 168 41.75 10.65 3.31
CA ASN A 168 40.77 11.55 2.72
C ASN A 168 39.91 10.85 1.68
N ASN A 169 40.51 9.96 0.89
CA ASN A 169 39.87 9.41 -0.31
C ASN A 169 39.07 8.16 0.04
N ILE A 170 37.91 8.41 0.65
CA ILE A 170 37.04 7.32 1.07
C ILE A 170 36.32 6.72 -0.13
N THR A 171 35.67 7.57 -0.94
CA THR A 171 34.95 7.17 -2.14
C THR A 171 33.82 6.19 -1.82
N CYS A 172 32.68 6.72 -1.37
CA CYS A 172 31.55 5.90 -0.96
C CYS A 172 31.01 5.04 -2.09
N VAL A 173 31.02 3.73 -1.87
CA VAL A 173 30.41 2.79 -2.80
C VAL A 173 30.33 1.42 -2.13
N LEU A 174 29.25 0.69 -2.41
CA LEU A 174 29.08 -0.67 -1.89
C LEU A 174 29.87 -1.61 -2.77
N THR A 175 31.12 -1.87 -2.38
CA THR A 175 32.01 -2.70 -3.18
C THR A 175 31.48 -4.12 -3.28
N LYS A 176 31.59 -4.70 -4.48
CA LYS A 176 31.24 -6.10 -4.67
C LYS A 176 32.08 -7.00 -3.78
N GLU A 177 33.39 -6.73 -3.70
CA GLU A 177 34.26 -7.56 -2.88
C GLU A 177 33.90 -7.46 -1.40
N ARG A 178 33.55 -6.26 -0.94
CA ARG A 178 33.30 -6.04 0.47
C ARG A 178 31.86 -6.36 0.88
N PHE A 179 30.89 -5.88 0.09
CA PHE A 179 29.47 -5.99 0.45
C PHE A 179 28.69 -6.89 -0.51
N GLY A 180 29.35 -7.87 -1.12
CA GLY A 180 28.69 -8.75 -2.06
C GLY A 180 27.50 -9.49 -1.47
N ASP A 181 27.74 -10.22 -0.37
CA ASP A 181 26.66 -10.96 0.27
C ASP A 181 25.53 -10.04 0.72
N PHE A 182 25.85 -8.79 1.08
CA PHE A 182 24.81 -7.85 1.46
C PHE A 182 24.04 -7.36 0.25
N MET A 183 24.73 -7.13 -0.86
CA MET A 183 24.03 -6.73 -2.09
C MET A 183 23.16 -7.84 -2.64
N LEU A 184 23.37 -9.08 -2.17
CA LEU A 184 22.53 -10.22 -2.59
C LEU A 184 21.39 -10.40 -1.59
N PHE A 185 21.72 -10.82 -0.37
CA PHE A 185 20.70 -11.16 0.62
C PHE A 185 19.95 -9.91 1.10
N GLY A 186 20.57 -8.74 1.07
CA GLY A 186 19.86 -7.52 1.41
C GLY A 186 18.78 -7.20 0.38
N SER A 187 19.05 -7.50 -0.88
CA SER A 187 18.04 -7.33 -1.92
C SER A 187 16.97 -8.42 -1.83
N LEU A 188 17.37 -9.64 -1.44
CA LEU A 188 16.40 -10.72 -1.27
C LEU A 188 15.44 -10.43 -0.14
N ALA A 189 15.96 -10.00 1.02
CA ALA A 189 15.11 -9.69 2.16
C ALA A 189 14.41 -8.34 2.00
N GLY A 190 14.97 -7.44 1.20
CA GLY A 190 14.44 -6.09 1.13
C GLY A 190 13.50 -5.80 -0.02
N PHE A 191 13.57 -6.60 -1.09
CA PHE A 191 12.75 -6.28 -2.27
C PHE A 191 11.95 -7.47 -2.78
N PHE A 192 12.60 -8.59 -3.05
CA PHE A 192 11.92 -9.70 -3.72
C PHE A 192 10.99 -10.46 -2.78
N THR A 193 11.32 -10.50 -1.48
CA THR A 193 10.42 -11.18 -0.53
C THR A 193 9.08 -10.46 -0.42
N PRO A 194 9.01 -9.15 -0.13
CA PRO A 194 7.70 -8.50 -0.11
C PRO A 194 7.05 -8.46 -1.48
N LEU A 195 7.83 -8.50 -2.55
CA LEU A 195 7.28 -8.64 -3.89
C LEU A 195 6.49 -9.93 -4.02
N ALA A 196 7.09 -11.07 -3.68
CA ALA A 196 6.39 -12.34 -3.73
C ALA A 196 5.16 -12.32 -2.83
N ILE A 197 5.31 -11.77 -1.62
CA ILE A 197 4.17 -11.63 -0.71
C ILE A 197 3.03 -10.89 -1.38
N MET A 198 3.35 -9.79 -2.06
CA MET A 198 2.31 -8.97 -2.68
C MET A 198 1.67 -9.67 -3.88
N ILE A 199 2.42 -10.51 -4.59
CA ILE A 199 1.83 -11.32 -5.65
C ILE A 199 0.85 -12.32 -5.05
N VAL A 200 1.27 -13.01 -3.99
CA VAL A 200 0.39 -13.97 -3.31
C VAL A 200 -0.88 -13.28 -2.84
N THR A 201 -0.73 -12.17 -2.13
CA THR A 201 -1.91 -11.45 -1.64
C THR A 201 -2.76 -10.91 -2.78
N TYR A 202 -2.14 -10.66 -3.94
CA TYR A 202 -2.91 -10.23 -5.10
C TYR A 202 -3.88 -11.32 -5.54
N PHE A 203 -3.35 -12.49 -5.91
CA PHE A 203 -4.21 -13.60 -6.31
C PHE A 203 -5.18 -14.00 -5.20
N LEU A 204 -4.72 -13.95 -3.94
CA LEU A 204 -5.61 -14.22 -2.83
C LEU A 204 -6.76 -13.21 -2.79
N THR A 205 -6.48 -11.96 -3.14
CA THR A 205 -7.54 -10.95 -3.15
C THR A 205 -8.55 -11.22 -4.26
N ILE A 206 -8.07 -11.64 -5.44
CA ILE A 206 -8.98 -12.03 -6.51
C ILE A 206 -9.90 -13.15 -6.04
N HIS A 207 -9.33 -14.19 -5.43
CA HIS A 207 -10.14 -15.31 -4.95
C HIS A 207 -11.09 -14.87 -3.85
N ALA A 208 -10.65 -13.95 -2.98
CA ALA A 208 -11.49 -13.50 -1.88
C ALA A 208 -12.69 -12.72 -2.39
N LEU A 209 -12.47 -11.80 -3.34
CA LEU A 209 -13.57 -11.04 -3.91
C LEU A 209 -14.54 -11.95 -4.66
N GLN A 210 -14.01 -12.85 -5.48
CA GLN A 210 -14.87 -13.76 -6.23
C GLN A 210 -15.63 -14.70 -5.31
N LYS A 211 -15.10 -14.98 -4.13
CA LYS A 211 -15.81 -15.81 -3.16
C LYS A 211 -16.90 -15.01 -2.45
N LYS A 212 -16.61 -13.75 -2.12
CA LYS A 212 -17.61 -12.91 -1.45
C LYS A 212 -18.80 -12.65 -2.36
N ALA A 213 -18.55 -12.45 -3.66
CA ALA A 213 -19.63 -12.10 -4.58
C ALA A 213 -20.64 -13.23 -4.70
N ALA A 214 -20.18 -14.48 -4.65
CA ALA A 214 -21.07 -15.61 -4.85
C ALA A 214 -22.00 -15.80 -3.65
N ASP A 215 -21.46 -15.71 -2.44
CA ASP A 215 -22.28 -15.88 -1.24
C ASP A 215 -23.41 -14.87 -1.19
N LEU A 216 -23.16 -13.65 -1.69
CA LEU A 216 -24.20 -12.63 -1.73
C LEU A 216 -25.34 -13.04 -2.65
N GLU A 217 -25.00 -13.61 -3.81
CA GLU A 217 -26.03 -14.09 -4.73
C GLU A 217 -26.82 -15.23 -4.10
N ASP A 218 -26.12 -16.21 -3.51
CA ASP A 218 -26.81 -17.29 -2.83
C ASP A 218 -27.75 -16.77 -1.76
N ASN A 219 -27.30 -15.80 -0.96
CA ASN A 219 -28.18 -15.18 0.03
C ASN A 219 -29.39 -14.54 -0.64
N TRP A 220 -29.15 -13.83 -1.76
CA TRP A 220 -30.22 -13.08 -2.42
C TRP A 220 -31.39 -13.98 -2.82
N GLU A 221 -31.10 -15.03 -3.58
CA GLU A 221 -32.14 -15.95 -4.03
C GLU A 221 -32.48 -17.01 -2.98
N THR A 222 -31.63 -17.21 -1.96
CA THR A 222 -32.08 -17.86 -0.73
C THR A 222 -33.23 -17.10 -0.12
N LEU A 223 -32.99 -15.81 0.10
CA LEU A 223 -34.01 -14.88 0.59
C LEU A 223 -35.22 -14.85 -0.33
N ASN A 224 -35.01 -14.55 -1.62
CA ASN A 224 -36.09 -14.47 -2.59
C ASN A 224 -36.88 -15.78 -2.69
N ASP A 225 -36.19 -16.92 -2.78
CA ASP A 225 -36.90 -18.20 -2.87
C ASP A 225 -37.88 -18.39 -1.73
N ASN A 226 -37.41 -18.21 -0.49
CA ASN A 226 -38.27 -18.47 0.68
C ASN A 226 -39.49 -17.55 0.70
N LEU A 227 -39.34 -16.30 0.27
CA LEU A 227 -40.51 -15.46 0.03
C LEU A 227 -41.54 -16.19 -0.83
N LYS A 228 -41.12 -16.75 -1.96
CA LYS A 228 -42.02 -17.56 -2.77
C LYS A 228 -42.59 -18.73 -1.97
N VAL A 229 -41.79 -19.30 -1.05
CA VAL A 229 -42.30 -20.38 -0.21
C VAL A 229 -43.38 -19.86 0.75
N ILE A 230 -43.15 -18.69 1.36
CA ILE A 230 -44.16 -18.10 2.24
C ILE A 230 -45.43 -17.82 1.46
N GLU A 231 -45.30 -17.35 0.22
CA GLU A 231 -46.45 -16.92 -0.55
C GLU A 231 -47.43 -18.07 -0.78
N LYS A 232 -46.90 -19.25 -1.13
CA LYS A 232 -47.72 -20.41 -1.44
C LYS A 232 -47.83 -21.37 -0.25
N ALA A 233 -47.74 -20.86 0.97
CA ALA A 233 -47.80 -21.69 2.16
C ALA A 233 -49.24 -21.78 2.66
N ASP A 234 -49.81 -22.98 2.58
CA ASP A 234 -51.12 -23.24 3.18
C ASP A 234 -51.03 -23.64 4.64
N ASN A 235 -49.87 -24.11 5.09
CA ASN A 235 -49.63 -24.48 6.47
C ASN A 235 -49.09 -23.28 7.25
N ALA A 236 -49.20 -23.36 8.58
CA ALA A 236 -48.73 -22.29 9.44
C ALA A 236 -47.27 -22.43 9.84
N ALA A 237 -46.85 -23.65 10.18
CA ALA A 237 -45.48 -23.89 10.63
C ALA A 237 -44.46 -23.30 9.65
N GLN A 238 -44.64 -23.51 8.34
CA GLN A 238 -43.58 -23.19 7.38
C GLN A 238 -43.23 -21.70 7.39
N VAL A 239 -44.24 -20.84 7.54
CA VAL A 239 -43.96 -19.41 7.69
C VAL A 239 -42.87 -19.20 8.74
N LYS A 240 -42.92 -19.94 9.85
CA LYS A 240 -41.86 -19.83 10.84
C LYS A 240 -40.52 -20.29 10.26
N ASP A 241 -40.51 -21.43 9.57
CA ASP A 241 -39.27 -21.96 8.98
C ASP A 241 -38.75 -21.03 7.89
N ALA A 242 -39.57 -20.75 6.88
CA ALA A 242 -39.18 -19.81 5.83
C ALA A 242 -38.69 -18.47 6.41
N LEU A 243 -39.43 -17.89 7.35
CA LEU A 243 -38.99 -16.62 7.94
C LEU A 243 -37.68 -16.78 8.70
N THR A 244 -37.52 -17.89 9.43
CA THR A 244 -36.26 -18.14 10.13
C THR A 244 -35.10 -18.18 9.15
N LYS A 245 -35.25 -18.91 8.05
CA LYS A 245 -34.16 -19.02 7.08
C LYS A 245 -33.92 -17.68 6.39
N MET A 246 -34.98 -16.92 6.11
CA MET A 246 -34.81 -15.58 5.57
C MET A 246 -34.05 -14.68 6.53
N ARG A 247 -34.35 -14.82 7.83
CA ARG A 247 -33.64 -14.04 8.84
C ARG A 247 -32.15 -14.40 8.84
N ALA A 248 -31.84 -15.70 8.81
CA ALA A 248 -30.45 -16.14 8.77
C ALA A 248 -29.76 -15.62 7.52
N ALA A 249 -30.42 -15.71 6.36
CA ALA A 249 -29.82 -15.21 5.13
C ALA A 249 -29.58 -13.70 5.21
N ALA A 250 -30.51 -12.96 5.81
CA ALA A 250 -30.34 -11.51 5.92
C ALA A 250 -29.16 -11.15 6.80
N LEU A 251 -29.03 -11.82 7.95
CA LEU A 251 -27.91 -11.56 8.84
C LEU A 251 -26.59 -11.93 8.18
N ASP A 252 -26.54 -13.10 7.53
CA ASP A 252 -25.34 -13.51 6.83
C ASP A 252 -24.95 -12.49 5.75
N ALA A 253 -25.93 -12.00 4.99
CA ALA A 253 -25.63 -10.99 3.97
C ALA A 253 -25.17 -9.69 4.58
N GLN A 254 -25.67 -9.33 5.77
CA GLN A 254 -25.25 -8.10 6.41
C GLN A 254 -23.85 -8.21 7.00
N LYS A 255 -23.42 -9.43 7.33
CA LYS A 255 -22.12 -9.68 7.93
C LYS A 255 -20.97 -9.59 6.94
N ALA A 256 -21.23 -9.16 5.70
CA ALA A 256 -20.19 -9.01 4.69
C ALA A 256 -19.66 -7.59 4.60
N THR A 257 -20.06 -6.71 5.52
CA THR A 257 -19.68 -5.30 5.46
C THR A 257 -19.44 -4.77 6.87
N PRO A 258 -18.35 -4.06 7.10
CA PRO A 258 -18.13 -3.42 8.40
C PRO A 258 -19.16 -2.34 8.66
N PRO A 259 -19.70 -2.26 9.88
CA PRO A 259 -20.68 -1.24 10.27
C PRO A 259 -20.12 0.18 10.22
N ASP A 273 -26.67 4.50 3.04
CA ASP A 273 -26.54 3.42 4.02
C ASP A 273 -27.63 2.37 3.79
N PHE A 274 -27.46 1.57 2.75
CA PHE A 274 -28.38 0.47 2.47
C PHE A 274 -28.22 -0.71 3.41
N ARG A 275 -27.10 -0.77 4.15
CA ARG A 275 -26.87 -1.88 5.08
C ARG A 275 -27.92 -1.90 6.18
N HIS A 276 -28.34 -0.72 6.65
CA HIS A 276 -29.40 -0.63 7.64
C HIS A 276 -30.67 -1.32 7.17
N GLY A 277 -30.89 -1.40 5.85
CA GLY A 277 -32.08 -2.08 5.34
C GLY A 277 -32.19 -3.52 5.79
N PHE A 278 -31.06 -4.14 6.16
CA PHE A 278 -31.12 -5.49 6.73
C PHE A 278 -31.74 -5.48 8.12
N ASP A 279 -31.27 -4.59 8.99
CA ASP A 279 -31.85 -4.43 10.33
C ASP A 279 -33.37 -4.35 10.25
N ILE A 280 -33.88 -3.32 9.56
CA ILE A 280 -35.29 -3.17 9.24
C ILE A 280 -35.90 -4.49 8.84
N LEU A 281 -35.33 -5.10 7.79
CA LEU A 281 -35.82 -6.37 7.26
C LEU A 281 -35.97 -7.41 8.38
N VAL A 282 -34.87 -7.66 9.11
CA VAL A 282 -34.91 -8.62 10.23
C VAL A 282 -36.04 -8.29 11.18
N GLY A 283 -36.14 -7.02 11.58
CA GLY A 283 -37.23 -6.56 12.42
C GLY A 283 -38.59 -6.99 11.91
N GLN A 284 -38.90 -6.64 10.66
CA GLN A 284 -40.13 -7.08 10.02
C GLN A 284 -40.29 -8.59 10.13
N ILE A 285 -39.25 -9.34 9.74
CA ILE A 285 -39.29 -10.81 9.80
C ILE A 285 -39.69 -11.28 11.19
N ASP A 286 -39.04 -10.71 12.23
CA ASP A 286 -39.39 -11.04 13.61
C ASP A 286 -40.88 -10.86 13.86
N ASP A 287 -41.40 -9.66 13.59
CA ASP A 287 -42.84 -9.41 13.75
C ASP A 287 -43.66 -10.41 12.95
N ALA A 288 -43.23 -10.73 11.72
CA ALA A 288 -43.93 -11.72 10.91
C ALA A 288 -44.01 -13.06 11.63
N LEU A 289 -42.87 -13.59 12.07
CA LEU A 289 -42.85 -14.86 12.80
C LEU A 289 -43.39 -14.74 14.22
N LYS A 290 -43.77 -13.53 14.65
CA LYS A 290 -44.63 -13.41 15.83
C LYS A 290 -46.06 -13.79 15.50
N LEU A 291 -46.60 -13.22 14.41
CA LEU A 291 -47.92 -13.63 13.92
C LEU A 291 -47.94 -15.12 13.60
N ALA A 292 -46.90 -15.62 12.94
CA ALA A 292 -46.81 -17.06 12.68
C ALA A 292 -46.78 -17.87 13.97
N ASN A 293 -46.15 -17.33 15.01
CA ASN A 293 -46.18 -17.95 16.33
C ASN A 293 -47.55 -17.83 16.99
N GLU A 294 -48.31 -16.80 16.66
CA GLU A 294 -49.67 -16.65 17.19
C GLU A 294 -50.66 -17.57 16.49
N GLY A 295 -50.40 -17.92 15.23
CA GLY A 295 -51.27 -18.79 14.45
C GLY A 295 -51.82 -18.13 13.20
N LYS A 296 -51.93 -16.80 13.21
CA LYS A 296 -52.49 -16.07 12.08
C LYS A 296 -51.54 -16.13 10.88
N VAL A 297 -51.65 -17.20 10.08
CA VAL A 297 -50.78 -17.35 8.93
C VAL A 297 -51.22 -16.42 7.80
N LYS A 298 -52.53 -16.25 7.61
CA LYS A 298 -53.03 -15.38 6.56
C LYS A 298 -52.65 -13.92 6.79
N GLU A 299 -52.53 -13.50 8.06
CA GLU A 299 -52.09 -12.15 8.36
C GLU A 299 -50.57 -12.01 8.29
N ALA A 300 -49.84 -13.09 8.57
CA ALA A 300 -48.38 -13.04 8.53
C ALA A 300 -47.88 -13.02 7.09
N GLN A 301 -48.45 -13.86 6.23
CA GLN A 301 -48.06 -13.88 4.82
C GLN A 301 -48.36 -12.55 4.13
N ALA A 302 -49.33 -11.79 4.64
CA ALA A 302 -49.62 -10.48 4.07
C ALA A 302 -48.51 -9.49 4.37
N ALA A 303 -47.92 -9.58 5.57
CA ALA A 303 -46.76 -8.74 5.90
C ALA A 303 -45.50 -9.23 5.21
N ALA A 304 -45.33 -10.55 5.08
CA ALA A 304 -44.23 -11.08 4.29
C ALA A 304 -44.34 -10.70 2.82
N GLU A 305 -45.55 -10.42 2.33
CA GLU A 305 -45.74 -9.91 0.97
C GLU A 305 -45.27 -8.48 0.81
N GLN A 306 -44.96 -7.79 1.90
CA GLN A 306 -44.41 -6.43 1.87
C GLN A 306 -43.02 -6.36 2.50
N LEU A 307 -42.42 -7.51 2.82
CA LEU A 307 -40.97 -7.57 2.92
C LEU A 307 -40.31 -7.17 1.60
N LYS A 308 -41.06 -7.28 0.49
CA LYS A 308 -40.51 -6.97 -0.82
C LYS A 308 -40.09 -5.51 -0.92
N THR A 309 -40.85 -4.60 -0.28
CA THR A 309 -40.51 -3.19 -0.35
C THR A 309 -39.12 -2.93 0.22
N THR A 310 -38.84 -3.47 1.41
CA THR A 310 -37.50 -3.38 1.98
C THR A 310 -36.49 -4.12 1.13
N ARG A 311 -36.88 -5.25 0.55
CA ARG A 311 -35.98 -6.03 -0.28
C ARG A 311 -35.55 -5.27 -1.53
N ASN A 312 -36.41 -4.38 -2.03
CA ASN A 312 -36.12 -3.61 -3.24
C ASN A 312 -35.43 -2.30 -2.93
N ALA A 313 -35.88 -1.58 -1.91
CA ALA A 313 -35.37 -0.23 -1.67
C ALA A 313 -33.95 -0.23 -1.12
N TYR A 314 -33.54 -1.32 -0.47
CA TYR A 314 -32.24 -1.38 0.21
C TYR A 314 -31.36 -2.50 -0.31
N ILE A 315 -31.81 -3.75 -0.17
CA ILE A 315 -30.92 -4.91 -0.34
C ILE A 315 -30.34 -4.92 -1.76
N GLN A 316 -31.21 -4.76 -2.76
CA GLN A 316 -30.76 -4.87 -4.15
C GLN A 316 -29.69 -3.83 -4.47
N LYS A 317 -29.88 -2.59 -4.02
CA LYS A 317 -28.86 -1.56 -4.23
C LYS A 317 -27.62 -1.83 -3.38
N TYR A 318 -27.79 -2.47 -2.23
CA TYR A 318 -26.65 -2.78 -1.37
C TYR A 318 -25.72 -3.79 -2.03
N LEU A 319 -26.29 -4.77 -2.75
CA LEU A 319 -25.49 -5.87 -3.28
C LEU A 319 -24.46 -5.37 -4.28
N VAL A 320 -24.91 -4.57 -5.26
CA VAL A 320 -24.00 -4.09 -6.30
C VAL A 320 -22.99 -3.10 -5.72
N GLN A 321 -23.38 -2.33 -4.70
CA GLN A 321 -22.51 -1.30 -4.16
C GLN A 321 -21.26 -1.91 -3.53
N THR A 322 -21.46 -2.87 -2.63
CA THR A 322 -20.33 -3.54 -1.96
C THR A 322 -19.37 -4.13 -2.98
N ILE A 323 -19.90 -4.95 -3.90
CA ILE A 323 -19.07 -5.66 -4.87
C ILE A 323 -18.27 -4.66 -5.70
N SER A 324 -18.96 -3.72 -6.33
CA SER A 324 -18.29 -2.77 -7.22
C SER A 324 -17.26 -1.93 -6.46
N ASN A 325 -17.59 -1.53 -5.22
CA ASN A 325 -16.67 -0.69 -4.46
C ASN A 325 -15.38 -1.43 -4.14
N GLU A 326 -15.49 -2.63 -3.54
CA GLU A 326 -14.30 -3.39 -3.20
C GLU A 326 -13.52 -3.77 -4.46
N GLN A 327 -14.23 -4.08 -5.54
CA GLN A 327 -13.59 -4.38 -6.81
C GLN A 327 -12.74 -3.20 -7.29
N ARG A 328 -13.33 -2.01 -7.35
CA ARG A 328 -12.61 -0.85 -7.86
C ARG A 328 -11.43 -0.49 -6.95
N ALA A 329 -11.66 -0.51 -5.64
CA ALA A 329 -10.59 -0.14 -4.71
C ALA A 329 -9.42 -1.10 -4.81
N SER A 330 -9.68 -2.40 -4.77
CA SER A 330 -8.60 -3.37 -4.94
C SER A 330 -7.92 -3.23 -6.29
N LYS A 331 -8.68 -2.82 -7.32
CA LYS A 331 -8.09 -2.66 -8.64
C LYS A 331 -7.09 -1.52 -8.67
N VAL A 332 -7.48 -0.33 -8.20
CA VAL A 332 -6.58 0.81 -8.24
C VAL A 332 -5.39 0.59 -7.31
N LEU A 333 -5.62 -0.07 -6.17
CA LEU A 333 -4.51 -0.38 -5.27
C LEU A 333 -3.51 -1.31 -5.94
N GLY A 334 -4.02 -2.34 -6.63
CA GLY A 334 -3.13 -3.24 -7.35
C GLY A 334 -2.32 -2.52 -8.41
N ILE A 335 -2.96 -1.62 -9.16
CA ILE A 335 -2.29 -0.93 -10.25
C ILE A 335 -1.16 -0.04 -9.71
N VAL A 336 -1.49 0.80 -8.71
CA VAL A 336 -0.49 1.75 -8.22
C VAL A 336 0.65 1.02 -7.54
N PHE A 337 0.36 -0.06 -6.81
CA PHE A 337 1.43 -0.83 -6.16
C PHE A 337 2.29 -1.53 -7.20
N PHE A 338 1.67 -2.07 -8.24
CA PHE A 338 2.43 -2.71 -9.31
C PHE A 338 3.35 -1.71 -10.00
N LEU A 339 2.85 -0.50 -10.27
CA LEU A 339 3.69 0.51 -10.89
C LEU A 339 4.79 1.00 -9.95
N PHE A 340 4.55 0.94 -8.63
CA PHE A 340 5.62 1.22 -7.68
C PHE A 340 6.74 0.18 -7.79
N LEU A 341 6.36 -1.10 -7.75
CA LEU A 341 7.34 -2.18 -7.77
C LEU A 341 8.03 -2.30 -9.13
N LEU A 342 7.39 -1.82 -10.20
CA LEU A 342 7.98 -1.97 -11.53
C LEU A 342 9.20 -1.08 -11.71
N MET A 343 9.24 0.08 -11.06
CA MET A 343 10.30 1.06 -11.24
C MET A 343 11.52 0.79 -10.35
N TRP A 344 11.40 -0.14 -9.40
CA TRP A 344 12.54 -0.64 -8.63
C TRP A 344 13.23 -1.84 -9.28
N CYS A 345 12.54 -2.57 -10.15
CA CYS A 345 13.12 -3.78 -10.73
C CYS A 345 14.50 -3.55 -11.36
N PRO A 346 14.71 -2.59 -12.27
CA PRO A 346 16.06 -2.37 -12.81
C PRO A 346 17.14 -2.30 -11.73
N PHE A 347 16.97 -1.47 -10.70
CA PHE A 347 18.00 -1.34 -9.67
C PHE A 347 18.38 -2.70 -9.08
N PHE A 348 17.38 -3.50 -8.69
CA PHE A 348 17.68 -4.70 -7.93
C PHE A 348 18.12 -5.85 -8.84
N ILE A 349 17.61 -5.91 -10.06
CA ILE A 349 18.12 -6.92 -10.99
C ILE A 349 19.56 -6.60 -11.38
N THR A 350 19.88 -5.32 -11.56
CA THR A 350 21.28 -4.94 -11.78
C THR A 350 22.13 -5.24 -10.56
N ASN A 351 21.62 -4.92 -9.37
CA ASN A 351 22.38 -5.13 -8.14
C ASN A 351 22.61 -6.62 -7.88
N ILE A 352 21.62 -7.46 -8.22
CA ILE A 352 21.76 -8.90 -8.01
C ILE A 352 22.74 -9.49 -9.00
N THR A 353 22.56 -9.19 -10.30
CA THR A 353 23.46 -9.73 -11.32
C THR A 353 24.88 -9.23 -11.13
N LEU A 354 25.06 -8.01 -10.62
CA LEU A 354 26.40 -7.47 -10.39
C LEU A 354 27.21 -8.38 -9.46
N VAL A 355 26.55 -8.96 -8.45
CA VAL A 355 27.19 -9.98 -7.62
C VAL A 355 27.42 -11.26 -8.42
N LEU A 356 26.41 -11.67 -9.20
CA LEU A 356 26.28 -13.02 -9.74
C LEU A 356 26.92 -13.19 -11.11
N CYS A 357 27.76 -12.24 -11.53
CA CYS A 357 28.37 -12.29 -12.85
C CYS A 357 29.84 -11.91 -12.77
N ASP A 358 30.70 -12.93 -12.89
CA ASP A 358 32.11 -12.70 -13.11
C ASP A 358 32.44 -12.49 -14.59
N SER A 359 31.47 -12.68 -15.48
CA SER A 359 31.66 -12.44 -16.90
C SER A 359 31.34 -11.02 -17.32
N CYS A 360 30.41 -10.36 -16.63
CA CYS A 360 30.00 -9.02 -17.03
C CYS A 360 31.02 -7.96 -16.63
N ASN A 361 30.97 -6.84 -17.33
CA ASN A 361 31.79 -5.69 -16.98
C ASN A 361 31.23 -4.99 -15.75
N GLN A 362 32.09 -4.76 -14.75
CA GLN A 362 31.62 -4.17 -13.50
C GLN A 362 31.46 -2.65 -13.60
N THR A 363 32.26 -2.00 -14.43
CA THR A 363 32.23 -0.54 -14.50
C THR A 363 30.88 -0.03 -15.01
N THR A 364 30.55 -0.37 -16.26
CA THR A 364 29.27 0.04 -16.82
C THR A 364 28.10 -0.47 -15.97
N LEU A 365 28.25 -1.66 -15.39
CA LEU A 365 27.21 -2.19 -14.50
C LEU A 365 27.04 -1.30 -13.27
N GLN A 366 28.09 -0.57 -12.88
CA GLN A 366 27.97 0.38 -11.79
C GLN A 366 27.31 1.67 -12.26
N MET A 367 27.63 2.11 -13.48
CA MET A 367 26.97 3.28 -14.04
C MET A 367 25.47 3.05 -14.15
N LEU A 368 25.06 1.85 -14.57
CA LEU A 368 23.63 1.54 -14.68
C LEU A 368 22.93 1.69 -13.34
N LEU A 369 23.56 1.21 -12.26
CA LEU A 369 23.02 1.44 -10.92
C LEU A 369 22.93 2.93 -10.62
N GLU A 370 24.01 3.67 -10.91
CA GLU A 370 24.03 5.11 -10.65
C GLU A 370 22.94 5.86 -11.40
N ILE A 371 22.34 5.25 -12.43
CA ILE A 371 21.21 5.85 -13.11
C ILE A 371 19.89 5.32 -12.54
N PHE A 372 19.79 4.02 -12.30
CA PHE A 372 18.53 3.42 -11.89
C PHE A 372 18.13 3.85 -10.48
N VAL A 373 19.10 4.26 -9.65
CA VAL A 373 18.79 4.70 -8.29
C VAL A 373 17.76 5.81 -8.29
N TRP A 374 17.74 6.63 -9.33
CA TRP A 374 16.81 7.75 -9.42
C TRP A 374 15.44 7.34 -9.92
N ILE A 375 15.37 6.27 -10.73
CA ILE A 375 14.09 5.67 -11.05
C ILE A 375 13.43 5.13 -9.79
N GLY A 376 14.19 4.39 -8.98
CA GLY A 376 13.66 3.93 -7.72
C GLY A 376 13.35 5.07 -6.76
N TYR A 377 14.20 6.09 -6.76
CA TYR A 377 13.99 7.24 -5.87
C TYR A 377 12.68 7.95 -6.20
N VAL A 378 12.44 8.25 -7.48
CA VAL A 378 11.20 8.89 -7.87
C VAL A 378 10.02 7.95 -7.73
N SER A 379 10.25 6.64 -7.77
CA SER A 379 9.18 5.69 -7.53
C SER A 379 8.71 5.74 -6.09
N SER A 380 9.65 5.79 -5.14
CA SER A 380 9.29 5.89 -3.73
C SER A 380 8.82 7.30 -3.36
N GLY A 381 9.27 8.32 -4.08
CA GLY A 381 8.99 9.69 -3.65
C GLY A 381 7.54 10.09 -3.87
N VAL A 382 7.00 9.81 -5.06
CA VAL A 382 5.65 10.23 -5.42
C VAL A 382 4.61 9.17 -5.11
N ASN A 383 5.01 8.06 -4.48
CA ASN A 383 4.06 6.97 -4.26
C ASN A 383 2.91 7.33 -3.31
N PRO A 384 3.14 7.91 -2.12
CA PRO A 384 2.00 8.17 -1.22
C PRO A 384 1.02 9.19 -1.79
N LEU A 385 1.52 10.25 -2.42
CA LEU A 385 0.65 11.25 -3.02
C LEU A 385 -0.24 10.63 -4.09
N VAL A 386 0.38 9.88 -5.01
CA VAL A 386 -0.38 9.20 -6.06
C VAL A 386 -1.45 8.31 -5.45
N TYR A 387 -1.11 7.60 -4.38
CA TYR A 387 -2.07 6.70 -3.76
C TYR A 387 -3.22 7.46 -3.11
N THR A 388 -2.93 8.59 -2.47
CA THR A 388 -3.96 9.36 -1.78
C THR A 388 -4.82 10.18 -2.74
N LEU A 389 -4.34 10.46 -3.95
CA LEU A 389 -5.11 11.26 -4.90
C LEU A 389 -6.36 10.57 -5.41
N PHE A 390 -6.53 9.28 -5.13
CA PHE A 390 -7.75 8.57 -5.47
C PHE A 390 -8.78 8.64 -4.36
N ASN A 391 -8.66 9.62 -3.47
CA ASN A 391 -9.59 9.83 -2.37
C ASN A 391 -10.04 11.29 -2.39
N LYS A 392 -11.35 11.51 -2.38
CA LYS A 392 -11.88 12.87 -2.53
C LYS A 392 -11.45 13.77 -1.40
N THR A 393 -11.54 13.27 -0.16
CA THR A 393 -11.16 14.06 1.01
C THR A 393 -9.72 14.55 0.90
N PHE A 394 -8.79 13.62 0.67
CA PHE A 394 -7.39 14.00 0.45
C PHE A 394 -7.25 15.00 -0.68
N ARG A 395 -8.00 14.80 -1.76
CA ARG A 395 -7.86 15.65 -2.94
C ARG A 395 -8.16 17.11 -2.62
N ASP A 396 -9.33 17.39 -2.07
CA ASP A 396 -9.75 18.75 -1.77
C ASP A 396 -9.17 19.27 -0.46
N ALA A 397 -8.48 18.43 0.30
CA ALA A 397 -7.54 18.94 1.30
C ALA A 397 -6.30 19.49 0.61
N PHE A 398 -5.74 18.71 -0.32
CA PHE A 398 -4.61 19.18 -1.11
C PHE A 398 -4.94 20.48 -1.85
N GLY A 399 -6.14 20.55 -2.44
CA GLY A 399 -6.52 21.74 -3.20
C GLY A 399 -6.53 23.00 -2.33
N ARG A 400 -6.95 22.85 -1.08
CA ARG A 400 -6.89 23.97 -0.15
C ARG A 400 -5.46 24.25 0.32
N TYR A 401 -4.59 23.23 0.28
CA TYR A 401 -3.22 23.41 0.76
C TYR A 401 -2.36 24.12 -0.28
N ILE A 402 -2.50 23.75 -1.56
CA ILE A 402 -1.73 24.40 -2.62
C ILE A 402 -2.25 25.79 -2.95
N THR A 403 -3.45 26.13 -2.49
CA THR A 403 -3.93 27.51 -2.51
C THR A 403 -3.67 28.23 -1.20
N CYS A 404 -2.95 27.58 -0.27
CA CYS A 404 -2.52 28.19 0.99
C CYS A 404 -3.68 28.66 1.85
N ASN A 405 -4.80 27.93 1.81
CA ASN A 405 -6.00 28.32 2.56
C ASN A 405 -6.01 27.71 3.97
N TYR A 406 -5.78 26.41 4.07
CA TYR A 406 -5.69 25.70 5.36
C TYR A 406 -7.03 25.85 6.09
N ARG A 407 -7.00 26.10 7.40
CA ARG A 407 -8.18 26.27 8.22
C ARG A 407 -7.80 27.00 9.51
#